data_2NZV
#
_entry.id   2NZV
#
_cell.length_a   69.770
_cell.length_b   69.770
_cell.length_c   231.060
_cell.angle_alpha   90.00
_cell.angle_beta   90.00
_cell.angle_gamma   90.00
#
_symmetry.space_group_name_H-M   'P 41 21 2'
#
loop_
_entity.id
_entity.type
_entity.pdbx_description
1 polymer 'Catabolite control protein'
2 polymer 'Phosphocarrier protein HPr'
3 non-polymer 1,6-di-O-phosphono-beta-D-fructofuranose
4 non-polymer 'SULFATE ION'
5 water water
#
loop_
_entity_poly.entity_id
_entity_poly.type
_entity_poly.pdbx_seq_one_letter_code
_entity_poly.pdbx_strand_id
1 'polypeptide(L)'
;RGLASKKTTTVGVIIPDISNIFYAELARGIEDIATMYKYNIILSNSDQNQDKELHLLNNMLGKQVDGIIFMSGNVTEEHV
EELKKSPVPVVLAASIESTNQIPSVTIDYEQAAFDAVQSLIDSGHKNIAFVSGTLEEPINHAKKVKGYKRALTESGLPVR
DSYIVEGDYTYDSGIEAVEKLLEEDEKPTAIFVGTDEMALGVIHGAQDRGLNVPNDLEIIGFDNTRLSTMVRPQLTSVVQ
PMYDIGAVAMRLLTKYMNKETVDSSIVQLPHRIEFRQSTK
;
G
2 'polypeptide(L)'
;MAQKTFTVTADSGIHARPATTLVQAASKFDSDINLEFNGKTVNLK(SEP)IMGVMSLGIQKGATITISAEGSDEADALAA
LEDTMSKEGLGE
;
L
#
loop_
_chem_comp.id
_chem_comp.type
_chem_comp.name
_chem_comp.formula
FBP D-saccharide, beta linking 1,6-di-O-phosphono-beta-D-fructofuranose 'C6 H14 O12 P2'
SO4 non-polymer 'SULFATE ION' 'O4 S -2'
#
# COMPACT_ATOMS: atom_id res chain seq x y z
N LYS A 6 23.57 20.81 -13.39
CA LYS A 6 22.47 21.70 -12.89
C LYS A 6 21.74 21.05 -11.73
N LYS A 7 21.51 19.74 -11.83
CA LYS A 7 20.81 18.98 -10.81
C LYS A 7 21.57 18.92 -9.48
N THR A 8 21.05 18.17 -8.51
CA THR A 8 21.68 18.05 -7.19
C THR A 8 21.81 16.63 -6.64
N THR A 9 21.25 15.66 -7.35
CA THR A 9 21.30 14.25 -6.95
C THR A 9 20.56 14.03 -5.63
N THR A 10 19.71 14.98 -5.28
CA THR A 10 18.93 14.90 -4.05
C THR A 10 17.45 15.19 -4.26
N VAL A 11 16.63 14.15 -4.16
CA VAL A 11 15.19 14.30 -4.30
C VAL A 11 14.60 14.57 -2.93
N GLY A 12 13.58 15.42 -2.89
CA GLY A 12 12.94 15.72 -1.62
C GLY A 12 11.68 14.90 -1.37
N VAL A 13 11.38 14.66 -0.08
CA VAL A 13 10.19 13.90 0.28
C VAL A 13 9.49 14.61 1.43
N ILE A 14 8.19 14.86 1.28
CA ILE A 14 7.41 15.50 2.33
C ILE A 14 6.40 14.46 2.82
N ILE A 15 6.56 14.04 4.06
CA ILE A 15 5.71 13.02 4.67
C ILE A 15 5.01 13.67 5.87
N PRO A 16 3.89 13.11 6.31
CA PRO A 16 3.26 13.77 7.47
C PRO A 16 4.00 13.55 8.80
N ASP A 17 4.23 12.28 9.15
CA ASP A 17 4.90 11.92 10.41
C ASP A 17 5.55 10.53 10.32
N ILE A 18 6.89 10.47 10.24
CA ILE A 18 7.59 9.19 10.14
C ILE A 18 7.62 8.34 11.40
N SER A 19 6.96 8.78 12.45
CA SER A 19 6.92 8.01 13.69
C SER A 19 5.74 7.08 13.58
N ASN A 20 5.25 6.91 12.34
CA ASN A 20 4.11 6.08 12.06
C ASN A 20 4.51 4.88 11.23
N ILE A 21 4.18 3.68 11.72
CA ILE A 21 4.51 2.44 11.03
C ILE A 21 4.29 2.59 9.53
N PHE A 22 3.07 2.98 9.19
CA PHE A 22 2.64 3.17 7.80
C PHE A 22 3.53 4.11 6.97
N TYR A 23 3.68 5.35 7.42
CA TYR A 23 4.49 6.31 6.69
C TYR A 23 5.98 5.96 6.66
N ALA A 24 6.48 5.38 7.76
CA ALA A 24 7.89 4.99 7.84
C ALA A 24 8.13 3.80 6.93
N GLU A 25 7.20 2.86 6.95
CA GLU A 25 7.25 1.66 6.10
C GLU A 25 7.37 2.10 4.63
N LEU A 26 6.71 3.20 4.29
CA LEU A 26 6.75 3.77 2.95
C LEU A 26 8.07 4.49 2.75
N ALA A 27 8.50 5.26 3.73
CA ALA A 27 9.76 5.98 3.63
C ALA A 27 10.92 5.04 3.30
N ARG A 28 10.84 3.81 3.80
CA ARG A 28 11.88 2.80 3.55
C ARG A 28 11.88 2.30 2.12
N GLY A 29 10.71 2.20 1.51
CA GLY A 29 10.66 1.76 0.14
C GLY A 29 11.38 2.84 -0.62
N ILE A 30 10.98 4.09 -0.40
CA ILE A 30 11.57 5.24 -1.07
C ILE A 30 13.07 5.11 -1.00
N GLU A 31 13.62 5.29 0.19
CA GLU A 31 15.04 5.21 0.44
C GLU A 31 15.69 4.15 -0.43
N ASP A 32 15.46 2.90 -0.11
CA ASP A 32 16.05 1.80 -0.86
C ASP A 32 16.15 2.02 -2.36
N ILE A 33 15.11 2.54 -2.99
CA ILE A 33 15.21 2.75 -4.42
C ILE A 33 15.95 4.03 -4.75
N ALA A 34 15.70 5.11 -4.02
CA ALA A 34 16.40 6.35 -4.31
C ALA A 34 17.89 6.07 -4.14
N THR A 35 18.20 5.05 -3.34
CA THR A 35 19.57 4.65 -3.11
C THR A 35 20.04 3.98 -4.39
N MET A 36 19.31 2.93 -4.77
CA MET A 36 19.59 2.14 -5.98
C MET A 36 19.93 2.97 -7.20
N TYR A 37 19.44 4.21 -7.22
CA TYR A 37 19.69 5.14 -8.33
C TYR A 37 20.52 6.33 -7.84
N LYS A 38 21.32 6.11 -6.82
CA LYS A 38 22.17 7.15 -6.22
C LYS A 38 21.60 8.57 -6.18
N TYR A 39 20.53 8.71 -5.41
CA TYR A 39 19.86 10.00 -5.21
C TYR A 39 19.77 10.15 -3.70
N ASN A 40 20.12 11.32 -3.20
CA ASN A 40 20.04 11.55 -1.77
C ASN A 40 18.61 11.98 -1.52
N ILE A 41 18.09 11.74 -0.32
CA ILE A 41 16.73 12.17 -0.03
C ILE A 41 16.81 13.20 1.10
N ILE A 42 15.86 14.11 1.14
CA ILE A 42 15.83 15.12 2.18
C ILE A 42 14.42 15.08 2.72
N LEU A 43 14.25 14.30 3.80
CA LEU A 43 12.95 14.11 4.43
C LEU A 43 12.50 15.22 5.40
N SER A 44 11.20 15.45 5.43
CA SER A 44 10.63 16.48 6.29
C SER A 44 9.17 16.17 6.56
N ASN A 45 8.76 16.30 7.81
CA ASN A 45 7.38 16.01 8.18
C ASN A 45 6.51 17.25 8.08
N SER A 46 5.20 17.06 7.98
CA SER A 46 4.30 18.20 7.87
C SER A 46 3.16 18.09 8.88
N ASP A 47 3.06 16.95 9.54
CA ASP A 47 2.00 16.75 10.51
C ASP A 47 0.64 17.13 9.93
N GLN A 48 0.44 16.78 8.67
CA GLN A 48 -0.83 17.05 8.00
C GLN A 48 -1.32 18.48 8.20
N ASN A 49 -0.42 19.44 8.03
CA ASN A 49 -0.76 20.86 8.18
C ASN A 49 -0.71 21.52 6.81
N GLN A 50 -1.87 21.76 6.21
CA GLN A 50 -1.97 22.34 4.87
C GLN A 50 -1.02 23.51 4.62
N ASP A 51 -0.76 24.31 5.65
CA ASP A 51 0.13 25.44 5.52
C ASP A 51 1.57 24.96 5.44
N LYS A 52 1.99 24.22 6.47
CA LYS A 52 3.35 23.67 6.54
C LYS A 52 3.67 22.85 5.30
N GLU A 53 2.65 22.18 4.77
CA GLU A 53 2.80 21.36 3.57
C GLU A 53 3.22 22.20 2.38
N LEU A 54 2.47 23.27 2.11
CA LEU A 54 2.79 24.15 1.01
C LEU A 54 4.15 24.79 1.25
N HIS A 55 4.37 25.25 2.46
CA HIS A 55 5.65 25.88 2.80
C HIS A 55 6.81 24.94 2.59
N LEU A 56 6.71 23.73 3.12
CA LEU A 56 7.75 22.72 2.97
C LEU A 56 8.11 22.51 1.50
N LEU A 57 7.10 22.61 0.64
CA LEU A 57 7.27 22.42 -0.81
C LEU A 57 8.09 23.55 -1.41
N ASN A 58 7.97 24.74 -0.84
CA ASN A 58 8.75 25.88 -1.33
C ASN A 58 10.21 25.67 -0.97
N ASN A 59 10.47 25.59 0.35
CA ASN A 59 11.81 25.39 0.88
C ASN A 59 12.56 24.32 0.11
N MET A 60 11.91 23.19 -0.09
CA MET A 60 12.54 22.08 -0.80
C MET A 60 12.79 22.37 -2.26
N LEU A 61 11.81 22.96 -2.93
CA LEU A 61 11.99 23.29 -4.33
C LEU A 61 13.15 24.27 -4.45
N GLY A 62 13.12 25.28 -3.59
CA GLY A 62 14.16 26.28 -3.59
C GLY A 62 15.56 25.69 -3.49
N LYS A 63 15.79 24.87 -2.49
CA LYS A 63 17.12 24.27 -2.30
C LYS A 63 17.50 23.30 -3.42
N GLN A 64 16.93 23.54 -4.61
CA GLN A 64 17.19 22.75 -5.81
C GLN A 64 17.21 21.24 -5.61
N VAL A 65 16.08 20.61 -5.94
CA VAL A 65 15.91 19.17 -5.82
C VAL A 65 15.40 18.59 -7.12
N ASP A 66 16.13 17.63 -7.67
CA ASP A 66 15.75 16.97 -8.91
C ASP A 66 14.27 16.57 -8.95
N GLY A 67 13.74 16.12 -7.83
CA GLY A 67 12.34 15.70 -7.77
C GLY A 67 11.74 15.81 -6.38
N ILE A 68 10.47 15.45 -6.28
CA ILE A 68 9.75 15.51 -5.00
C ILE A 68 8.75 14.39 -4.88
N ILE A 69 8.72 13.75 -3.71
CA ILE A 69 7.73 12.73 -3.46
C ILE A 69 6.79 13.46 -2.50
N PHE A 70 5.49 13.17 -2.54
CA PHE A 70 4.55 13.87 -1.68
C PHE A 70 3.46 12.97 -1.13
N MET A 71 3.23 13.09 0.16
CA MET A 71 2.22 12.30 0.84
C MET A 71 1.37 13.19 1.74
N SER A 72 0.05 13.04 1.63
CA SER A 72 -0.88 13.80 2.43
C SER A 72 -2.18 13.03 2.51
N GLY A 73 -2.93 13.27 3.57
CA GLY A 73 -4.18 12.59 3.72
C GLY A 73 -5.19 13.30 2.87
N ASN A 74 -4.87 14.54 2.54
CA ASN A 74 -5.75 15.36 1.71
C ASN A 74 -5.02 16.34 0.80
N VAL A 75 -4.98 16.01 -0.49
CA VAL A 75 -4.36 16.89 -1.47
C VAL A 75 -5.43 17.92 -1.78
N THR A 76 -5.20 19.16 -1.38
CA THR A 76 -6.19 20.22 -1.62
C THR A 76 -6.25 20.60 -3.07
N GLU A 77 -7.40 21.14 -3.44
CA GLU A 77 -7.65 21.61 -4.80
C GLU A 77 -6.53 22.59 -5.16
N GLU A 78 -6.04 23.30 -4.14
CA GLU A 78 -4.98 24.30 -4.29
C GLU A 78 -3.61 23.66 -4.46
N HIS A 79 -3.34 22.61 -3.68
CA HIS A 79 -2.08 21.90 -3.75
C HIS A 79 -1.74 21.60 -5.20
N VAL A 80 -2.79 21.27 -5.96
CA VAL A 80 -2.65 20.94 -7.36
C VAL A 80 -2.21 22.17 -8.14
N GLU A 81 -2.71 23.34 -7.76
CA GLU A 81 -2.29 24.54 -8.45
C GLU A 81 -0.79 24.68 -8.23
N GLU A 82 -0.38 24.75 -6.96
CA GLU A 82 1.03 24.91 -6.62
C GLU A 82 1.93 23.77 -7.09
N LEU A 83 1.44 22.54 -7.06
CA LEU A 83 2.26 21.40 -7.48
C LEU A 83 2.29 21.23 -9.00
N LYS A 84 1.65 22.16 -9.69
CA LYS A 84 1.62 22.15 -11.14
C LYS A 84 2.68 23.16 -11.56
N LYS A 85 2.77 24.24 -10.79
CA LYS A 85 3.74 25.31 -11.01
C LYS A 85 5.14 24.88 -10.59
N SER A 86 5.31 23.60 -10.30
CA SER A 86 6.62 23.11 -9.91
C SER A 86 7.56 23.12 -11.09
N PRO A 87 8.86 23.14 -10.82
CA PRO A 87 9.91 23.13 -11.85
C PRO A 87 10.50 21.76 -12.01
N VAL A 88 10.07 20.82 -11.18
CA VAL A 88 10.60 19.47 -11.21
C VAL A 88 9.57 18.39 -10.96
N PRO A 89 9.81 17.18 -11.48
CA PRO A 89 8.93 16.02 -11.35
C PRO A 89 8.43 15.84 -9.93
N VAL A 90 7.15 15.50 -9.82
CA VAL A 90 6.51 15.30 -8.54
C VAL A 90 5.59 14.13 -8.72
N VAL A 91 5.69 13.18 -7.80
CA VAL A 91 4.78 12.06 -7.84
C VAL A 91 4.25 11.84 -6.44
N LEU A 92 2.94 11.58 -6.34
CA LEU A 92 2.26 11.36 -5.06
C LEU A 92 2.32 9.87 -4.67
N ALA A 93 2.40 9.63 -3.37
CA ALA A 93 2.47 8.28 -2.80
C ALA A 93 1.41 8.05 -1.73
N ALA A 94 0.63 6.99 -1.89
CA ALA A 94 -0.41 6.68 -0.91
C ALA A 94 -1.24 7.91 -0.56
N SER A 95 -1.38 8.82 -1.52
CA SER A 95 -2.18 10.05 -1.39
C SER A 95 -2.87 10.27 -2.74
N ILE A 96 -4.12 10.74 -2.73
CA ILE A 96 -4.83 10.92 -3.99
C ILE A 96 -5.48 12.28 -4.21
N GLU A 97 -5.66 12.61 -5.49
CA GLU A 97 -6.31 13.84 -5.93
C GLU A 97 -7.05 13.56 -7.26
N SER A 98 -8.35 13.77 -7.21
CA SER A 98 -9.31 13.54 -8.32
C SER A 98 -9.04 13.94 -9.77
N THR A 99 -8.01 14.72 -10.07
CA THR A 99 -7.80 15.14 -11.45
C THR A 99 -6.70 14.41 -12.22
N ASN A 100 -5.74 13.83 -11.52
CA ASN A 100 -4.65 13.10 -12.18
C ASN A 100 -3.72 13.95 -13.02
N GLN A 101 -3.55 15.20 -12.63
CA GLN A 101 -2.65 16.11 -13.33
C GLN A 101 -1.22 15.77 -12.94
N ILE A 102 -1.07 15.19 -11.74
CA ILE A 102 0.24 14.79 -11.21
C ILE A 102 0.34 13.28 -11.03
N PRO A 103 1.51 12.70 -11.33
CA PRO A 103 1.63 11.26 -11.18
C PRO A 103 1.23 10.84 -9.77
N SER A 104 1.04 9.53 -9.59
CA SER A 104 0.62 9.03 -8.30
C SER A 104 0.54 7.52 -8.25
N VAL A 105 1.27 6.92 -7.30
CA VAL A 105 1.25 5.47 -7.08
C VAL A 105 0.43 5.24 -5.83
N THR A 106 -0.59 4.40 -5.95
CA THR A 106 -1.51 4.05 -4.87
C THR A 106 -2.00 2.60 -5.03
N ILE A 107 -3.13 2.28 -4.39
CA ILE A 107 -3.75 0.95 -4.48
C ILE A 107 -5.13 1.27 -5.02
N ASP A 108 -5.87 0.28 -5.53
CA ASP A 108 -7.22 0.59 -5.99
C ASP A 108 -8.07 0.49 -4.72
N TYR A 109 -8.16 1.61 -4.00
CA TYR A 109 -8.89 1.71 -2.74
C TYR A 109 -10.34 1.28 -2.73
N GLU A 110 -11.18 2.04 -3.44
CA GLU A 110 -12.60 1.74 -3.47
C GLU A 110 -12.86 0.27 -3.74
N GLN A 111 -12.03 -0.34 -4.59
CA GLN A 111 -12.19 -1.77 -4.90
C GLN A 111 -11.96 -2.67 -3.71
N ALA A 112 -10.82 -2.51 -3.05
CA ALA A 112 -10.48 -3.34 -1.90
C ALA A 112 -11.49 -3.15 -0.77
N ALA A 113 -11.98 -1.92 -0.57
CA ALA A 113 -12.96 -1.64 0.47
C ALA A 113 -14.22 -2.47 0.19
N PHE A 114 -14.55 -2.59 -1.09
CA PHE A 114 -15.70 -3.36 -1.54
C PHE A 114 -15.37 -4.85 -1.36
N ASP A 115 -14.35 -5.31 -2.07
CA ASP A 115 -13.91 -6.70 -1.98
C ASP A 115 -13.96 -7.27 -0.56
N ALA A 116 -13.66 -6.43 0.43
CA ALA A 116 -13.64 -6.90 1.81
C ALA A 116 -15.02 -6.99 2.43
N VAL A 117 -15.81 -5.92 2.29
CA VAL A 117 -17.16 -5.90 2.86
C VAL A 117 -17.92 -7.04 2.19
N GLN A 118 -17.77 -7.13 0.88
CA GLN A 118 -18.40 -8.18 0.08
C GLN A 118 -17.97 -9.57 0.56
N SER A 119 -16.77 -9.69 1.13
CA SER A 119 -16.28 -10.98 1.59
C SER A 119 -17.07 -11.42 2.81
N LEU A 120 -17.64 -10.44 3.51
CA LEU A 120 -18.41 -10.70 4.71
C LEU A 120 -19.87 -10.99 4.36
N ILE A 121 -20.37 -10.34 3.31
CA ILE A 121 -21.73 -10.59 2.86
C ILE A 121 -21.74 -12.09 2.53
N ASP A 122 -20.78 -12.51 1.71
CA ASP A 122 -20.59 -13.89 1.29
C ASP A 122 -20.60 -14.81 2.50
N SER A 123 -19.84 -14.42 3.52
CA SER A 123 -19.74 -15.18 4.75
C SER A 123 -21.12 -15.34 5.38
N GLY A 124 -22.06 -14.51 4.93
CA GLY A 124 -23.42 -14.59 5.46
C GLY A 124 -23.62 -13.64 6.62
N HIS A 125 -23.58 -12.35 6.31
CA HIS A 125 -23.76 -11.34 7.34
C HIS A 125 -24.89 -10.36 7.05
N LYS A 126 -25.62 -10.01 8.11
CA LYS A 126 -26.75 -9.10 8.00
C LYS A 126 -26.33 -7.63 8.16
N ASN A 127 -25.90 -7.30 9.36
CA ASN A 127 -25.49 -5.94 9.71
C ASN A 127 -23.97 -5.79 9.72
N ILE A 128 -23.45 -5.16 8.68
CA ILE A 128 -22.02 -4.90 8.53
C ILE A 128 -21.79 -3.46 8.95
N ALA A 129 -20.78 -3.22 9.80
CA ALA A 129 -20.50 -1.86 10.23
C ALA A 129 -19.20 -1.36 9.60
N PHE A 130 -18.92 -0.08 9.75
CA PHE A 130 -17.69 0.47 9.21
C PHE A 130 -17.08 1.47 10.17
N VAL A 131 -15.81 1.27 10.49
CA VAL A 131 -15.05 2.15 11.40
C VAL A 131 -13.92 2.76 10.58
N SER A 132 -14.10 3.98 10.10
CA SER A 132 -13.05 4.60 9.30
C SER A 132 -12.36 5.71 10.05
N GLY A 133 -11.49 6.42 9.34
CA GLY A 133 -10.77 7.53 9.93
C GLY A 133 -11.21 8.83 9.29
N THR A 134 -10.76 9.95 9.88
CA THR A 134 -11.07 11.30 9.42
C THR A 134 -11.78 11.37 8.08
N LEU A 135 -13.11 11.42 8.13
CA LEU A 135 -13.91 11.47 6.92
C LEU A 135 -13.56 12.58 5.93
N GLU A 136 -12.99 13.67 6.44
CA GLU A 136 -12.62 14.78 5.57
C GLU A 136 -11.53 14.45 4.55
N GLU A 137 -10.90 13.27 4.68
CA GLU A 137 -9.83 12.86 3.77
C GLU A 137 -10.36 12.10 2.55
N PRO A 138 -10.21 12.70 1.35
CA PRO A 138 -10.64 12.16 0.06
C PRO A 138 -10.47 10.67 -0.13
N ILE A 139 -9.36 10.13 0.39
CA ILE A 139 -9.09 8.72 0.27
C ILE A 139 -10.12 7.92 1.06
N ASN A 140 -10.62 8.49 2.15
CA ASN A 140 -11.61 7.81 2.97
C ASN A 140 -13.03 7.94 2.45
N HIS A 141 -13.67 9.08 2.71
CA HIS A 141 -15.05 9.28 2.30
C HIS A 141 -15.31 9.08 0.81
N ALA A 142 -14.36 9.49 -0.04
CA ALA A 142 -14.56 9.36 -1.49
C ALA A 142 -14.16 8.01 -2.08
N LYS A 143 -13.38 7.23 -1.35
CA LYS A 143 -12.96 5.92 -1.86
C LYS A 143 -13.37 4.70 -1.01
N LYS A 144 -12.87 4.61 0.22
CA LYS A 144 -13.17 3.45 1.09
C LYS A 144 -14.62 3.34 1.50
N VAL A 145 -15.22 4.45 1.91
CA VAL A 145 -16.61 4.43 2.34
C VAL A 145 -17.50 3.91 1.20
N LYS A 146 -17.39 4.55 0.02
CA LYS A 146 -18.15 4.14 -1.16
C LYS A 146 -18.12 2.63 -1.30
N GLY A 147 -16.90 2.09 -1.36
CA GLY A 147 -16.72 0.66 -1.52
C GLY A 147 -17.59 -0.11 -0.57
N TYR A 148 -17.57 0.31 0.69
CA TYR A 148 -18.36 -0.32 1.71
C TYR A 148 -19.84 -0.20 1.32
N LYS A 149 -20.26 0.99 0.92
CA LYS A 149 -21.66 1.16 0.54
C LYS A 149 -22.03 0.33 -0.70
N ARG A 150 -21.32 0.54 -1.82
CA ARG A 150 -21.59 -0.23 -3.03
C ARG A 150 -21.65 -1.74 -2.74
N ALA A 151 -20.66 -2.27 -2.03
CA ALA A 151 -20.67 -3.68 -1.70
C ALA A 151 -22.03 -4.05 -1.10
N LEU A 152 -22.64 -3.11 -0.38
CA LEU A 152 -23.93 -3.33 0.26
C LEU A 152 -25.07 -3.07 -0.69
N THR A 153 -25.18 -1.83 -1.18
CA THR A 153 -26.28 -1.50 -2.08
C THR A 153 -26.36 -2.50 -3.23
N GLU A 154 -25.23 -3.11 -3.57
CA GLU A 154 -25.17 -4.10 -4.65
C GLU A 154 -25.73 -5.45 -4.23
N SER A 155 -26.04 -5.60 -2.96
CA SER A 155 -26.58 -6.85 -2.46
C SER A 155 -27.90 -6.55 -1.77
N GLY A 156 -28.34 -5.29 -1.93
CA GLY A 156 -29.57 -4.82 -1.32
C GLY A 156 -29.57 -4.87 0.20
N LEU A 157 -28.76 -4.02 0.83
CA LEU A 157 -28.70 -3.99 2.27
C LEU A 157 -28.80 -2.54 2.71
N PRO A 158 -29.54 -2.28 3.79
CA PRO A 158 -29.73 -0.92 4.31
C PRO A 158 -28.44 -0.15 4.58
N VAL A 159 -28.19 0.87 3.76
CA VAL A 159 -27.03 1.72 3.92
C VAL A 159 -27.31 2.68 5.07
N ARG A 160 -26.98 2.23 6.27
CA ARG A 160 -27.18 2.95 7.51
C ARG A 160 -26.08 3.91 7.98
N ASP A 161 -26.33 5.20 7.79
CA ASP A 161 -25.42 6.27 8.18
C ASP A 161 -24.90 6.16 9.61
N SER A 162 -25.56 5.39 10.45
CA SER A 162 -25.11 5.26 11.83
C SER A 162 -24.17 4.08 11.99
N TYR A 163 -24.09 3.24 10.96
CA TYR A 163 -23.21 2.07 11.03
C TYR A 163 -21.80 2.44 10.64
N ILE A 164 -21.63 3.66 10.14
CA ILE A 164 -20.30 4.13 9.80
C ILE A 164 -19.97 5.11 10.91
N VAL A 165 -18.92 4.79 11.66
CA VAL A 165 -18.48 5.65 12.76
C VAL A 165 -16.97 5.86 12.64
N GLU A 166 -16.55 7.11 12.64
CA GLU A 166 -15.14 7.40 12.48
C GLU A 166 -14.31 7.49 13.76
N GLY A 167 -13.08 7.95 13.57
CA GLY A 167 -12.15 8.12 14.68
C GLY A 167 -10.81 8.46 14.04
N ASP A 168 -9.83 8.88 14.84
CA ASP A 168 -8.51 9.15 14.28
C ASP A 168 -7.94 7.78 14.02
N TYR A 169 -6.72 7.71 13.52
CA TYR A 169 -6.16 6.40 13.20
C TYR A 169 -5.48 5.70 14.38
N THR A 170 -5.85 6.10 15.59
CA THR A 170 -5.27 5.56 16.81
C THR A 170 -5.97 4.36 17.42
N TYR A 171 -5.17 3.42 17.92
CA TYR A 171 -5.67 2.21 18.53
C TYR A 171 -6.76 2.52 19.56
N ASP A 172 -6.59 3.59 20.31
CA ASP A 172 -7.58 3.96 21.30
C ASP A 172 -8.94 4.14 20.66
N SER A 173 -9.01 5.00 19.66
CA SER A 173 -10.27 5.25 18.97
C SER A 173 -10.95 3.95 18.55
N GLY A 174 -10.18 3.06 17.94
CA GLY A 174 -10.73 1.80 17.49
C GLY A 174 -11.58 1.04 18.51
N ILE A 175 -11.38 1.36 19.79
CA ILE A 175 -12.10 0.73 20.88
C ILE A 175 -13.43 1.42 21.17
N GLU A 176 -13.39 2.75 21.15
CA GLU A 176 -14.60 3.52 21.39
C GLU A 176 -15.61 3.19 20.31
N ALA A 177 -15.17 3.16 19.06
CA ALA A 177 -16.11 2.84 17.98
C ALA A 177 -16.83 1.51 18.26
N VAL A 178 -16.10 0.51 18.74
CA VAL A 178 -16.72 -0.78 19.03
C VAL A 178 -17.79 -0.64 20.08
N GLU A 179 -17.58 0.30 21.00
CA GLU A 179 -18.55 0.54 22.06
C GLU A 179 -19.73 1.28 21.43
N LYS A 180 -19.48 2.44 20.83
CA LYS A 180 -20.57 3.18 20.23
C LYS A 180 -21.32 2.31 19.22
N LEU A 181 -20.67 1.28 18.68
CA LEU A 181 -21.34 0.42 17.73
C LEU A 181 -22.22 -0.61 18.40
N LEU A 182 -21.79 -1.14 19.54
CA LEU A 182 -22.62 -2.12 20.23
C LEU A 182 -23.74 -1.41 20.99
N GLU A 183 -23.66 -0.08 21.06
CA GLU A 183 -24.67 0.74 21.72
C GLU A 183 -25.98 0.67 20.95
N GLU A 184 -25.88 0.28 19.68
CA GLU A 184 -27.01 0.17 18.77
C GLU A 184 -27.99 -0.93 19.17
N ASP A 185 -29.28 -0.71 18.88
CA ASP A 185 -30.29 -1.72 19.17
C ASP A 185 -29.97 -2.91 18.26
N GLU A 186 -29.76 -2.61 16.98
CA GLU A 186 -29.38 -3.62 15.99
C GLU A 186 -27.86 -3.68 15.98
N LYS A 187 -27.30 -4.64 16.71
CA LYS A 187 -25.85 -4.79 16.79
C LYS A 187 -25.25 -5.40 15.53
N PRO A 188 -24.04 -4.95 15.14
CA PRO A 188 -23.38 -5.50 13.95
C PRO A 188 -22.89 -6.89 14.28
N THR A 189 -22.65 -7.69 13.25
CA THR A 189 -22.14 -9.05 13.43
C THR A 189 -20.79 -9.14 12.74
N ALA A 190 -20.41 -8.07 12.04
CA ALA A 190 -19.15 -8.01 11.30
C ALA A 190 -18.70 -6.56 11.11
N ILE A 191 -17.44 -6.28 11.45
CA ILE A 191 -16.91 -4.93 11.31
C ILE A 191 -15.68 -4.79 10.41
N PHE A 192 -15.79 -3.84 9.48
CA PHE A 192 -14.73 -3.53 8.54
C PHE A 192 -14.04 -2.30 9.10
N VAL A 193 -12.73 -2.39 9.32
CA VAL A 193 -12.01 -1.23 9.84
C VAL A 193 -11.02 -0.66 8.84
N GLY A 194 -11.09 0.66 8.67
CA GLY A 194 -10.23 1.37 7.73
C GLY A 194 -8.74 1.24 7.91
N THR A 195 -8.31 0.56 8.97
CA THR A 195 -6.88 0.41 9.16
C THR A 195 -6.43 -0.40 10.37
N ASP A 196 -5.45 -1.26 10.12
CA ASP A 196 -4.83 -2.17 11.07
C ASP A 196 -4.77 -1.88 12.57
N GLU A 197 -4.30 -0.69 12.95
CA GLU A 197 -4.17 -0.34 14.36
C GLU A 197 -5.50 -0.03 15.06
N MET A 198 -6.50 0.45 14.32
CA MET A 198 -7.82 0.74 14.90
C MET A 198 -8.50 -0.61 15.00
N ALA A 199 -8.14 -1.50 14.08
CA ALA A 199 -8.69 -2.85 14.03
C ALA A 199 -8.27 -3.63 15.28
N LEU A 200 -7.08 -3.33 15.79
CA LEU A 200 -6.58 -4.00 16.99
C LEU A 200 -7.40 -3.50 18.16
N GLY A 201 -7.69 -2.20 18.18
CA GLY A 201 -8.49 -1.62 19.24
C GLY A 201 -9.91 -2.15 19.22
N VAL A 202 -10.40 -2.47 18.02
CA VAL A 202 -11.74 -3.01 17.82
C VAL A 202 -11.86 -4.43 18.37
N ILE A 203 -10.81 -5.22 18.20
CA ILE A 203 -10.80 -6.59 18.70
C ILE A 203 -10.96 -6.51 20.21
N HIS A 204 -9.97 -5.91 20.86
CA HIS A 204 -9.94 -5.75 22.30
C HIS A 204 -11.22 -5.13 22.84
N GLY A 205 -11.51 -3.90 22.44
CA GLY A 205 -12.74 -3.26 22.89
C GLY A 205 -13.93 -4.19 22.82
N ALA A 206 -14.04 -4.95 21.74
CA ALA A 206 -15.15 -5.89 21.57
C ALA A 206 -15.01 -7.10 22.49
N GLN A 207 -13.78 -7.43 22.87
CA GLN A 207 -13.53 -8.57 23.76
C GLN A 207 -13.84 -8.24 25.21
N ASP A 208 -13.46 -7.04 25.62
CA ASP A 208 -13.72 -6.61 26.99
C ASP A 208 -15.22 -6.71 27.31
N ARG A 209 -16.06 -6.36 26.34
CA ARG A 209 -17.52 -6.43 26.54
C ARG A 209 -17.95 -7.89 26.76
N GLY A 210 -17.03 -8.82 26.52
CA GLY A 210 -17.33 -10.23 26.72
C GLY A 210 -17.77 -10.97 25.47
N LEU A 211 -17.37 -10.46 24.30
CA LEU A 211 -17.72 -11.08 23.03
C LEU A 211 -16.50 -11.75 22.45
N ASN A 212 -16.70 -12.68 21.52
CA ASN A 212 -15.57 -13.39 20.90
C ASN A 212 -15.38 -13.02 19.45
N VAL A 213 -14.16 -13.14 18.98
CA VAL A 213 -13.83 -12.86 17.59
C VAL A 213 -13.21 -14.15 17.07
N PRO A 214 -13.72 -14.67 15.95
CA PRO A 214 -14.83 -14.20 15.10
C PRO A 214 -16.20 -14.63 15.62
N ASN A 215 -16.20 -15.60 16.53
CA ASN A 215 -17.40 -16.17 17.13
C ASN A 215 -18.62 -15.26 17.19
N ASP A 216 -18.43 -14.02 17.62
CA ASP A 216 -19.54 -13.07 17.70
C ASP A 216 -19.45 -12.17 16.49
N LEU A 217 -18.65 -11.11 16.59
CA LEU A 217 -18.49 -10.22 15.45
C LEU A 217 -17.19 -10.58 14.80
N GLU A 218 -17.14 -10.47 13.48
CA GLU A 218 -15.92 -10.76 12.73
C GLU A 218 -15.36 -9.42 12.31
N ILE A 219 -14.03 -9.33 12.19
CA ILE A 219 -13.39 -8.08 11.83
C ILE A 219 -12.42 -8.22 10.65
N ILE A 220 -12.20 -7.13 9.92
CA ILE A 220 -11.27 -7.12 8.80
C ILE A 220 -10.58 -5.76 8.71
N GLY A 221 -9.24 -5.79 8.72
CA GLY A 221 -8.48 -4.56 8.71
C GLY A 221 -8.03 -3.99 7.38
N PHE A 222 -6.91 -3.31 7.38
CA PHE A 222 -6.40 -2.70 6.17
C PHE A 222 -4.92 -2.38 6.33
N ASP A 223 -4.17 -2.45 5.22
CA ASP A 223 -2.73 -2.18 5.20
C ASP A 223 -1.93 -3.44 5.45
N ASN A 224 -2.53 -4.41 6.12
CA ASN A 224 -1.84 -5.65 6.45
C ASN A 224 -0.50 -5.35 7.10
N THR A 225 -0.48 -4.37 7.99
CA THR A 225 0.76 -4.01 8.68
C THR A 225 1.12 -5.19 9.57
N ARG A 226 2.25 -5.10 10.27
CA ARG A 226 2.67 -6.20 11.12
C ARG A 226 1.81 -6.35 12.37
N LEU A 227 1.08 -5.31 12.75
CA LEU A 227 0.22 -5.42 13.93
C LEU A 227 -0.81 -6.49 13.63
N SER A 228 -0.96 -6.80 12.35
CA SER A 228 -1.90 -7.79 11.87
C SER A 228 -1.63 -9.18 12.46
N THR A 229 -0.37 -9.42 12.80
CA THR A 229 0.06 -10.70 13.34
C THR A 229 0.27 -10.65 14.85
N MET A 230 0.43 -9.45 15.39
CA MET A 230 0.65 -9.29 16.82
C MET A 230 -0.61 -9.20 17.69
N VAL A 231 -1.68 -9.87 17.27
CA VAL A 231 -2.92 -9.85 18.04
C VAL A 231 -3.38 -11.26 18.27
N ARG A 232 -4.47 -11.37 19.03
CA ARG A 232 -5.07 -12.64 19.29
C ARG A 232 -6.59 -12.37 19.29
N PRO A 233 -7.29 -12.83 18.24
CA PRO A 233 -6.85 -13.58 17.05
C PRO A 233 -6.01 -12.76 16.08
N GLN A 234 -5.51 -13.41 15.03
CA GLN A 234 -4.72 -12.70 14.04
C GLN A 234 -5.59 -12.00 12.97
N LEU A 235 -5.48 -10.67 12.93
CA LEU A 235 -6.25 -9.81 12.04
C LEU A 235 -6.22 -10.17 10.57
N THR A 236 -7.40 -10.24 9.96
CA THR A 236 -7.52 -10.50 8.52
C THR A 236 -7.44 -9.10 7.90
N SER A 237 -6.51 -8.86 7.00
CA SER A 237 -6.40 -7.51 6.48
C SER A 237 -6.33 -7.41 4.98
N VAL A 238 -6.80 -6.28 4.45
CA VAL A 238 -6.73 -6.01 3.02
C VAL A 238 -5.28 -5.59 2.82
N VAL A 239 -4.59 -6.25 1.91
CA VAL A 239 -3.20 -5.96 1.68
C VAL A 239 -2.91 -4.73 0.85
N GLN A 240 -2.06 -3.87 1.39
CA GLN A 240 -1.61 -2.66 0.72
C GLN A 240 -0.10 -2.74 0.91
N PRO A 241 0.66 -2.80 -0.18
CA PRO A 241 2.11 -2.89 -0.10
C PRO A 241 2.83 -1.56 0.07
N MET A 242 2.85 -1.03 1.29
CA MET A 242 3.49 0.25 1.53
C MET A 242 4.88 0.40 0.95
N TYR A 243 5.79 -0.50 1.31
CA TYR A 243 7.15 -0.39 0.78
C TYR A 243 7.10 -0.34 -0.75
N ASP A 244 6.21 -1.14 -1.33
CA ASP A 244 6.09 -1.17 -2.77
C ASP A 244 5.60 0.16 -3.30
N ILE A 245 4.62 0.74 -2.62
CA ILE A 245 4.09 2.04 -3.03
C ILE A 245 5.27 2.99 -2.96
N GLY A 246 6.11 2.78 -1.95
CA GLY A 246 7.29 3.61 -1.77
C GLY A 246 8.15 3.40 -3.00
N ALA A 247 8.83 2.25 -3.05
CA ALA A 247 9.71 1.87 -4.15
C ALA A 247 9.24 2.41 -5.50
N VAL A 248 8.15 1.84 -6.01
CA VAL A 248 7.56 2.24 -7.29
C VAL A 248 7.31 3.74 -7.45
N ALA A 249 7.00 4.43 -6.33
CA ALA A 249 6.75 5.88 -6.35
C ALA A 249 7.99 6.69 -6.71
N MET A 250 9.14 6.23 -6.20
CA MET A 250 10.44 6.86 -6.45
C MET A 250 10.91 6.45 -7.84
N ARG A 251 10.86 5.14 -8.11
CA ARG A 251 11.28 4.60 -9.40
C ARG A 251 10.63 5.32 -10.55
N LEU A 252 9.32 5.56 -10.46
CA LEU A 252 8.61 6.27 -11.50
C LEU A 252 9.17 7.68 -11.56
N LEU A 253 9.54 8.22 -10.40
CA LEU A 253 10.12 9.56 -10.35
C LEU A 253 11.50 9.51 -11.04
N THR A 254 12.23 8.42 -10.83
CA THR A 254 13.54 8.26 -11.46
C THR A 254 13.35 8.36 -12.96
N LYS A 255 12.35 7.64 -13.48
CA LYS A 255 12.05 7.67 -14.91
C LYS A 255 11.75 9.11 -15.31
N TYR A 256 10.76 9.71 -14.69
CA TYR A 256 10.43 11.09 -15.00
C TYR A 256 11.64 12.06 -14.90
N MET A 257 12.56 11.79 -13.97
CA MET A 257 13.74 12.64 -13.77
C MET A 257 14.93 12.38 -14.72
N ASN A 258 15.17 11.12 -15.05
CA ASN A 258 16.25 10.74 -15.95
C ASN A 258 15.69 10.65 -17.36
N LYS A 259 14.46 11.12 -17.51
CA LYS A 259 13.78 11.08 -18.79
C LYS A 259 13.88 9.74 -19.50
N GLU A 260 13.13 8.77 -19.02
CA GLU A 260 13.06 7.46 -19.66
C GLU A 260 11.70 7.60 -20.34
N THR A 261 10.85 6.58 -20.29
CA THR A 261 9.53 6.73 -20.91
C THR A 261 8.47 6.16 -19.98
N VAL A 262 7.59 7.03 -19.52
CA VAL A 262 6.53 6.64 -18.60
C VAL A 262 5.37 5.95 -19.30
N ASP A 263 5.21 4.65 -19.06
CA ASP A 263 4.09 3.94 -19.67
C ASP A 263 2.81 4.63 -19.19
N SER A 264 2.68 4.79 -17.87
CA SER A 264 1.53 5.48 -17.24
C SER A 264 2.06 6.19 -16.01
N SER A 265 1.68 7.45 -15.81
CA SER A 265 2.16 8.19 -14.64
C SER A 265 1.18 8.02 -13.50
N ILE A 266 0.03 7.46 -13.82
CA ILE A 266 -0.99 7.23 -12.82
C ILE A 266 -1.02 5.72 -12.59
N VAL A 267 -0.33 5.26 -11.55
CA VAL A 267 -0.23 3.86 -11.21
C VAL A 267 -1.16 3.40 -10.09
N GLN A 268 -1.31 2.09 -9.96
CA GLN A 268 -2.18 1.47 -8.96
C GLN A 268 -1.82 0.00 -8.82
N LEU A 269 -0.86 -0.33 -7.95
CA LEU A 269 -0.40 -1.72 -7.74
C LEU A 269 -1.50 -2.61 -7.21
N PRO A 270 -1.38 -3.93 -7.41
CA PRO A 270 -2.31 -5.00 -7.01
C PRO A 270 -2.67 -4.95 -5.53
N HIS A 271 -3.72 -5.69 -5.16
CA HIS A 271 -4.14 -5.78 -3.76
C HIS A 271 -4.88 -7.09 -3.51
N ARG A 272 -4.91 -7.51 -2.24
CA ARG A 272 -5.60 -8.74 -1.86
C ARG A 272 -5.97 -8.74 -0.37
N ILE A 273 -6.54 -9.85 0.07
CA ILE A 273 -6.96 -10.04 1.46
C ILE A 273 -6.11 -11.16 2.06
N GLU A 274 -5.75 -11.04 3.33
CA GLU A 274 -4.97 -12.08 4.01
C GLU A 274 -5.84 -12.63 5.13
N PHE A 275 -6.58 -13.69 4.84
CA PHE A 275 -7.46 -14.27 5.83
C PHE A 275 -6.79 -15.00 6.98
N ARG A 276 -6.75 -14.35 8.14
CA ARG A 276 -6.18 -14.96 9.33
C ARG A 276 -7.33 -15.47 10.21
N GLN A 277 -7.41 -15.08 11.47
CA GLN A 277 -8.50 -15.60 12.29
C GLN A 277 -9.54 -14.61 12.82
N SER A 278 -9.39 -13.31 12.54
CA SER A 278 -10.36 -12.32 13.01
C SER A 278 -11.64 -12.41 12.21
N THR A 279 -11.74 -13.48 11.43
CA THR A 279 -12.89 -13.72 10.58
C THR A 279 -12.91 -15.17 10.15
N LYS A 280 -13.93 -15.89 10.57
CA LYS A 280 -14.05 -17.29 10.23
C LYS A 280 -14.72 -17.51 8.89
N ALA B 2 18.36 -22.20 -20.03
CA ALA B 2 18.08 -20.74 -20.21
C ALA B 2 17.02 -20.26 -19.24
N GLN B 3 16.14 -21.16 -18.81
CA GLN B 3 15.05 -20.83 -17.89
C GLN B 3 15.00 -21.78 -16.70
N LYS B 4 14.44 -21.30 -15.60
CA LYS B 4 14.32 -22.10 -14.38
C LYS B 4 13.03 -21.70 -13.65
N THR B 5 12.07 -22.63 -13.61
CA THR B 5 10.79 -22.39 -12.96
C THR B 5 10.82 -22.73 -11.48
N PHE B 6 10.12 -21.93 -10.68
CA PHE B 6 10.06 -22.13 -9.22
C PHE B 6 8.64 -22.17 -8.65
N THR B 7 8.61 -22.23 -7.33
CA THR B 7 7.37 -22.23 -6.56
C THR B 7 7.68 -21.39 -5.32
N VAL B 8 6.97 -20.27 -5.18
CA VAL B 8 7.19 -19.38 -4.04
C VAL B 8 6.44 -19.79 -2.79
N THR B 9 7.18 -19.93 -1.70
CA THR B 9 6.60 -20.31 -0.41
C THR B 9 6.83 -19.22 0.62
N ALA B 10 7.13 -18.02 0.14
CA ALA B 10 7.37 -16.88 1.01
C ALA B 10 6.08 -16.13 1.35
N ASP B 11 5.73 -16.14 2.63
CA ASP B 11 4.52 -15.48 3.12
C ASP B 11 4.39 -14.08 2.51
N SER B 12 5.54 -13.46 2.28
CA SER B 12 5.58 -12.11 1.73
C SER B 12 5.42 -12.08 0.21
N GLY B 13 5.73 -13.19 -0.45
CA GLY B 13 5.64 -13.22 -1.89
C GLY B 13 6.88 -12.51 -2.40
N ILE B 14 6.74 -11.76 -3.49
CA ILE B 14 7.91 -11.05 -4.03
C ILE B 14 7.72 -9.55 -3.91
N HIS B 15 7.75 -9.04 -2.68
CA HIS B 15 7.59 -7.61 -2.46
C HIS B 15 8.72 -7.06 -1.61
N ALA B 16 8.58 -5.81 -1.19
CA ALA B 16 9.54 -5.13 -0.35
C ALA B 16 10.98 -5.43 -0.71
N ARG B 17 11.86 -5.34 0.28
CA ARG B 17 13.28 -5.58 0.09
C ARG B 17 13.63 -6.94 -0.52
N PRO B 18 12.95 -8.01 -0.10
CA PRO B 18 13.24 -9.32 -0.68
C PRO B 18 13.02 -9.32 -2.19
N ALA B 19 12.28 -8.32 -2.67
CA ALA B 19 12.01 -8.19 -4.09
C ALA B 19 13.04 -7.24 -4.67
N THR B 20 13.29 -6.15 -3.96
CA THR B 20 14.26 -5.18 -4.42
C THR B 20 15.61 -5.89 -4.50
N THR B 21 15.73 -6.97 -3.73
CA THR B 21 16.97 -7.72 -3.74
C THR B 21 17.08 -8.54 -5.03
N LEU B 22 16.02 -9.25 -5.38
CA LEU B 22 16.02 -10.08 -6.58
C LEU B 22 16.07 -9.27 -7.87
N VAL B 23 15.91 -7.95 -7.76
CA VAL B 23 15.97 -7.08 -8.93
C VAL B 23 17.33 -6.43 -8.95
N GLN B 24 17.95 -6.34 -7.78
CA GLN B 24 19.26 -5.75 -7.67
C GLN B 24 20.28 -6.83 -8.06
N ALA B 25 19.86 -8.09 -7.94
CA ALA B 25 20.71 -9.23 -8.27
C ALA B 25 20.39 -9.69 -9.70
N ALA B 26 20.03 -8.75 -10.55
CA ALA B 26 19.72 -9.06 -11.92
C ALA B 26 20.29 -7.95 -12.79
N SER B 27 20.55 -6.81 -12.16
CA SER B 27 21.14 -5.68 -12.86
C SER B 27 22.65 -5.89 -12.87
N LYS B 28 23.08 -6.94 -12.20
CA LYS B 28 24.49 -7.30 -12.12
C LYS B 28 24.87 -7.96 -13.45
N PHE B 29 24.29 -9.12 -13.71
CA PHE B 29 24.56 -9.88 -14.94
C PHE B 29 24.37 -9.00 -16.19
N ASP B 30 24.76 -9.53 -17.35
CA ASP B 30 24.65 -8.77 -18.60
C ASP B 30 23.81 -9.45 -19.68
N SER B 31 23.19 -10.57 -19.33
CA SER B 31 22.33 -11.27 -20.27
C SER B 31 20.97 -10.56 -20.27
N ASP B 32 19.91 -11.30 -20.60
CA ASP B 32 18.56 -10.74 -20.61
C ASP B 32 17.65 -11.62 -19.78
N ILE B 33 17.31 -11.15 -18.58
CA ILE B 33 16.46 -11.93 -17.70
C ILE B 33 15.04 -11.38 -17.68
N ASN B 34 14.08 -12.28 -17.65
CA ASN B 34 12.67 -11.90 -17.61
C ASN B 34 11.93 -12.85 -16.69
N LEU B 35 10.92 -12.33 -16.00
CA LEU B 35 10.11 -13.13 -15.09
C LEU B 35 8.74 -13.30 -15.74
N GLU B 36 8.15 -14.48 -15.58
CA GLU B 36 6.85 -14.76 -16.18
C GLU B 36 5.87 -15.34 -15.17
N PHE B 37 4.87 -14.53 -14.80
CA PHE B 37 3.85 -14.96 -13.85
C PHE B 37 2.51 -14.98 -14.53
N ASN B 38 1.78 -16.08 -14.37
CA ASN B 38 0.47 -16.19 -14.96
C ASN B 38 0.49 -15.86 -16.46
N GLY B 39 1.62 -16.14 -17.12
CA GLY B 39 1.72 -15.87 -18.54
C GLY B 39 1.90 -14.42 -18.92
N LYS B 40 2.32 -13.61 -17.96
CA LYS B 40 2.56 -12.19 -18.19
C LYS B 40 4.07 -12.03 -18.10
N THR B 41 4.67 -11.27 -19.02
CA THR B 41 6.11 -11.13 -19.01
C THR B 41 6.65 -9.70 -19.06
N VAL B 42 7.47 -9.35 -18.08
CA VAL B 42 8.10 -8.04 -18.03
C VAL B 42 9.50 -8.21 -17.47
N ASN B 43 10.36 -7.27 -17.85
CA ASN B 43 11.76 -7.26 -17.47
C ASN B 43 12.06 -7.44 -16.00
N LEU B 44 12.47 -8.65 -15.63
CA LEU B 44 12.80 -8.97 -14.24
C LEU B 44 13.88 -8.07 -13.65
N LYS B 45 14.49 -7.25 -14.50
CA LYS B 45 15.54 -6.34 -14.10
C LYS B 45 14.95 -4.94 -13.89
N SEP B 46 13.63 -4.88 -13.73
CA SEP B 46 12.91 -3.62 -13.55
CB SEP B 46 12.17 -3.26 -14.84
OG SEP B 46 10.97 -2.53 -14.62
C SEP B 46 11.92 -3.71 -12.38
O SEP B 46 11.09 -4.61 -12.31
P SEP B 46 10.95 -0.94 -14.49
O1P SEP B 46 11.67 -0.41 -15.66
O2P SEP B 46 9.58 -0.40 -14.67
O3P SEP B 46 11.40 -0.63 -13.10
N ILE B 47 12.03 -2.75 -11.47
CA ILE B 47 11.19 -2.68 -10.28
C ILE B 47 9.70 -2.64 -10.61
N MET B 48 9.24 -1.58 -11.28
CA MET B 48 7.83 -1.46 -11.64
C MET B 48 7.30 -2.68 -12.37
N GLY B 49 8.21 -3.45 -12.95
CA GLY B 49 7.79 -4.64 -13.65
C GLY B 49 7.49 -5.75 -12.67
N VAL B 50 8.36 -5.94 -11.69
CA VAL B 50 8.18 -6.99 -10.69
C VAL B 50 7.14 -6.56 -9.63
N MET B 51 7.07 -5.26 -9.37
CA MET B 51 6.16 -4.72 -8.38
C MET B 51 4.76 -4.57 -8.97
N SER B 52 4.66 -4.63 -10.30
CA SER B 52 3.37 -4.50 -10.96
C SER B 52 2.63 -5.82 -10.97
N LEU B 53 3.38 -6.91 -11.05
CA LEU B 53 2.79 -8.26 -11.07
C LEU B 53 2.04 -8.66 -9.82
N GLY B 54 2.67 -8.48 -8.67
CA GLY B 54 2.01 -8.85 -7.43
C GLY B 54 2.00 -10.36 -7.27
N ILE B 55 3.18 -10.92 -7.08
CA ILE B 55 3.31 -12.36 -6.92
C ILE B 55 3.00 -12.74 -5.48
N GLN B 56 1.81 -13.29 -5.25
CA GLN B 56 1.40 -13.70 -3.91
C GLN B 56 2.26 -14.87 -3.44
N LYS B 57 1.67 -15.79 -2.69
CA LYS B 57 2.39 -16.96 -2.21
C LYS B 57 1.90 -18.26 -2.86
N GLY B 58 2.81 -19.19 -3.10
CA GLY B 58 2.45 -20.44 -3.73
C GLY B 58 2.19 -20.23 -5.21
N ALA B 59 2.84 -19.22 -5.78
CA ALA B 59 2.68 -18.91 -7.19
C ALA B 59 3.92 -19.35 -7.97
N THR B 60 3.72 -20.25 -8.92
CA THR B 60 4.80 -20.75 -9.75
C THR B 60 5.26 -19.65 -10.70
N ILE B 61 6.58 -19.45 -10.77
CA ILE B 61 7.15 -18.41 -11.62
C ILE B 61 8.36 -18.89 -12.40
N THR B 62 8.55 -18.32 -13.61
CA THR B 62 9.68 -18.71 -14.46
C THR B 62 10.69 -17.61 -14.73
N ILE B 63 11.96 -17.90 -14.44
CA ILE B 63 13.05 -16.94 -14.67
C ILE B 63 13.72 -17.29 -15.98
N SER B 64 13.57 -16.41 -16.97
CA SER B 64 14.16 -16.66 -18.28
C SER B 64 15.35 -15.77 -18.58
N ALA B 65 16.51 -16.41 -18.80
CA ALA B 65 17.76 -15.72 -19.09
C ALA B 65 18.23 -16.01 -20.52
N GLU B 66 18.49 -14.94 -21.29
CA GLU B 66 18.94 -15.06 -22.68
C GLU B 66 20.04 -14.06 -23.01
N GLY B 67 21.29 -14.50 -22.92
CA GLY B 67 22.42 -13.64 -23.21
C GLY B 67 23.77 -14.33 -23.18
N SER B 68 24.84 -13.55 -23.19
CA SER B 68 26.20 -14.09 -23.17
C SER B 68 26.60 -14.69 -21.83
N ASP B 69 25.66 -14.76 -20.89
CA ASP B 69 25.95 -15.34 -19.58
C ASP B 69 24.68 -15.82 -18.90
N GLU B 70 23.90 -16.60 -19.64
CA GLU B 70 22.63 -17.16 -19.13
C GLU B 70 22.83 -18.02 -17.89
N ALA B 71 23.56 -19.12 -18.07
CA ALA B 71 23.83 -20.07 -16.99
C ALA B 71 24.27 -19.39 -15.70
N ASP B 72 25.15 -18.40 -15.84
CA ASP B 72 25.67 -17.65 -14.69
C ASP B 72 24.54 -16.89 -14.01
N ALA B 73 23.64 -16.33 -14.82
CA ALA B 73 22.51 -15.59 -14.30
C ALA B 73 21.51 -16.54 -13.65
N LEU B 74 21.01 -17.50 -14.41
CA LEU B 74 20.04 -18.46 -13.92
C LEU B 74 20.55 -19.25 -12.71
N ALA B 75 21.84 -19.15 -12.43
CA ALA B 75 22.45 -19.85 -11.30
C ALA B 75 22.45 -19.02 -10.02
N ALA B 76 22.99 -17.81 -10.09
CA ALA B 76 23.07 -16.92 -8.95
C ALA B 76 21.69 -16.48 -8.48
N LEU B 77 20.75 -16.38 -9.42
CA LEU B 77 19.40 -15.98 -9.08
C LEU B 77 18.76 -17.04 -8.18
N GLU B 78 19.12 -18.30 -8.39
CA GLU B 78 18.61 -19.40 -7.58
C GLU B 78 19.11 -19.18 -6.15
N ASP B 79 20.37 -18.78 -6.05
CA ASP B 79 20.96 -18.52 -4.76
C ASP B 79 20.17 -17.35 -4.18
N THR B 80 20.12 -16.26 -4.95
CA THR B 80 19.41 -15.07 -4.52
C THR B 80 18.00 -15.37 -4.03
N MET B 81 17.37 -16.40 -4.61
CA MET B 81 16.01 -16.74 -4.20
C MET B 81 15.95 -17.43 -2.84
N SER B 82 16.67 -18.52 -2.70
CA SER B 82 16.71 -19.28 -1.45
C SER B 82 17.50 -18.55 -0.35
N LYS B 83 18.32 -17.59 -0.74
CA LYS B 83 19.10 -16.81 0.22
C LYS B 83 18.21 -15.73 0.81
N GLU B 84 17.08 -15.47 0.15
CA GLU B 84 16.12 -14.47 0.61
C GLU B 84 14.88 -15.17 1.17
N GLY B 85 14.82 -16.48 0.97
CA GLY B 85 13.70 -17.26 1.47
C GLY B 85 12.43 -17.03 0.69
N LEU B 86 12.56 -16.84 -0.62
CA LEU B 86 11.39 -16.61 -1.48
C LEU B 86 10.76 -17.93 -1.93
N GLY B 87 11.26 -18.46 -3.05
CA GLY B 87 10.75 -19.71 -3.58
C GLY B 87 11.67 -20.89 -3.33
N GLU B 88 11.32 -22.03 -3.90
CA GLU B 88 12.09 -23.25 -3.73
C GLU B 88 11.90 -24.16 -4.94
P1 FBP C . -2.35 10.55 8.71
O1P FBP C . -1.03 11.08 9.45
O2P FBP C . -2.53 11.28 7.41
O3P FBP C . -3.44 10.72 9.73
O1 FBP C . -2.01 9.07 8.41
C1 FBP C . -2.92 8.31 7.67
C2 FBP C . -2.23 6.97 7.57
O2 FBP C . -0.96 7.18 6.93
C3 FBP C . -3.07 5.82 6.76
O3 FBP C . -2.27 4.60 6.60
C4 FBP C . -4.26 5.72 7.70
O4 FBP C . -4.99 6.96 7.46
C5 FBP C . -3.48 5.53 9.07
O5 FBP C . -2.23 6.35 8.91
C6 FBP C . -2.97 4.09 9.12
O6 FBP C . -2.18 3.72 10.30
P2 FBP C . -2.32 2.49 11.30
O4P FBP C . -1.22 2.76 12.39
O5P FBP C . -2.02 1.24 10.42
O6P FBP C . -3.77 2.56 11.85
S SO4 D . 12.43 2.81 -23.78
O1 SO4 D . 12.73 1.54 -23.08
O2 SO4 D . 11.51 3.62 -22.97
O3 SO4 D . 13.68 3.57 -24.00
O4 SO4 D . 11.80 2.50 -25.08
S SO4 E . -10.95 5.43 -9.40
O1 SO4 E . -10.03 4.88 -8.39
O2 SO4 E . -12.23 5.81 -8.76
O3 SO4 E . -10.34 6.62 -10.03
O4 SO4 E . -11.20 4.41 -10.43
S SO4 F . -29.64 5.12 10.37
O1 SO4 F . -29.44 4.01 11.32
O2 SO4 F . -28.77 4.93 9.21
O3 SO4 F . -31.04 5.13 9.91
O4 SO4 F . -29.33 6.42 11.01
S SO4 G . -18.72 12.02 -1.07
O1 SO4 G . -17.45 11.71 -1.75
O2 SO4 G . -18.57 13.27 -0.31
O3 SO4 G . -19.79 12.17 -2.07
O4 SO4 G . -19.06 10.93 -0.14
S SO4 H . 1.35 -14.13 7.12
O1 SO4 H . 0.01 -13.97 7.72
O2 SO4 H . 1.70 -12.91 6.35
O3 SO4 H . 2.35 -14.33 8.19
O4 SO4 H . 1.34 -15.29 6.21
S SO4 I . 8.25 -15.44 5.68
O1 SO4 I . 7.41 -15.41 6.89
O2 SO4 I . 7.77 -16.50 4.76
O3 SO4 I . 8.17 -14.13 4.99
O4 SO4 I . 9.66 -15.72 6.05
S SO4 J . 12.99 -26.54 -14.95
O1 SO4 J . 13.86 -27.55 -14.31
O2 SO4 J . 11.65 -27.13 -15.20
O3 SO4 J . 12.85 -25.37 -14.07
O4 SO4 J . 13.59 -26.13 -16.24
#